data_6X37
#
_entry.id   6X37
#
_cell.length_a   73.298
_cell.length_b   83.974
_cell.length_c   41.433
_cell.angle_alpha   90.000
_cell.angle_beta   106.310
_cell.angle_gamma   90.000
#
_symmetry.space_group_name_H-M   'C 1 2 1'
#
loop_
_entity.id
_entity.type
_entity.pdbx_description
1 polymer 'Endothelial PAS domain-containing protein 1'
2 polymer 'Aryl hydrocarbon receptor nuclear translocator'
3 non-polymer 3-fluoro-5-{[(7R)-7-hydroxy-1-(trifluoromethyl)-6,7-dihydro-5H-cyclopenta[c]pyridin-4-yl]oxy}benzonitrile
4 water water
#
loop_
_entity_poly.entity_id
_entity_poly.type
_entity_poly.pdbx_seq_one_letter_code
_entity_poly.pdbx_strand_id
1 'polypeptide(L)'
;GEFKGLDSKTFLSEHSMDMKFTYCDDRITELIGYHPEELLGRSAYEFYHALDSENMTKSHQNLCTKGQVVSGQYRMLAKH
GGYVWLETQGTVIYNPRNLQPQCIMCVNYVLSEIE
;
A
2 'polypeptide(L)'
;GEFKGLNVCQPTRFISRHNIEGIFTFVDHRCVATVGYQPQELLGKNIVEFCHPEDQQLLRDSFQQVVKLKGQVLSVMFRF
RSKNQEWLWMRTSSFTFQNPYSDEIEYIICTNTNVKNS
;
B
#
loop_
_chem_comp.id
_chem_comp.type
_chem_comp.name
_chem_comp.formula
ULS non-polymer 3-fluoro-5-{[(7R)-7-hydroxy-1-(trifluoromethyl)-6,7-dihydro-5H-cyclopenta[c]pyridin-4-yl]oxy}benzonitrile 'C16 H10 F4 N2 O2'
#
# COMPACT_ATOMS: atom_id res chain seq x y z
N PHE A 3 -17.40 -2.18 -27.54
CA PHE A 3 -17.48 -2.59 -26.07
C PHE A 3 -17.32 -4.13 -25.77
N LYS A 4 -16.54 -4.45 -24.73
CA LYS A 4 -16.12 -5.83 -24.42
C LYS A 4 -17.17 -6.62 -23.60
N GLY A 5 -17.34 -7.90 -23.95
CA GLY A 5 -18.11 -8.89 -23.15
C GLY A 5 -17.72 -8.99 -21.68
N LEU A 6 -18.59 -9.52 -20.83
CA LEU A 6 -18.28 -9.68 -19.39
C LEU A 6 -17.03 -10.57 -19.17
N ASP A 7 -16.98 -11.66 -19.91
CA ASP A 7 -15.82 -12.51 -19.96
C ASP A 7 -14.44 -11.85 -20.29
N SER A 8 -14.40 -10.97 -21.29
CA SER A 8 -13.15 -10.31 -21.68
C SER A 8 -12.82 -9.23 -20.66
N LYS A 9 -13.73 -8.95 -19.74
CA LYS A 9 -13.45 -8.02 -18.65
C LYS A 9 -13.23 -8.73 -17.31
N THR A 10 -12.90 -10.02 -17.34
CA THR A 10 -12.76 -10.75 -16.11
C THR A 10 -11.33 -11.30 -16.15
N PHE A 11 -10.62 -11.13 -15.04
CA PHE A 11 -9.26 -11.67 -14.85
C PHE A 11 -9.09 -12.16 -13.43
N LEU A 12 -8.17 -13.13 -13.25
CA LEU A 12 -7.84 -13.67 -11.95
C LEU A 12 -6.53 -13.06 -11.33
N SER A 13 -6.47 -12.89 -10.03
CA SER A 13 -5.22 -12.51 -9.35
C SER A 13 -5.05 -13.40 -8.15
N GLU A 14 -3.83 -13.64 -7.72
CA GLU A 14 -3.62 -14.45 -6.47
C GLU A 14 -2.86 -13.53 -5.55
N HIS A 15 -3.06 -13.70 -4.24
CA HIS A 15 -2.48 -12.82 -3.29
C HIS A 15 -2.02 -13.60 -2.11
N SER A 16 -0.91 -13.15 -1.47
CA SER A 16 -0.60 -13.74 -0.12
C SER A 16 -1.49 -13.09 0.92
N MET A 17 -1.37 -13.53 2.18
CA MET A 17 -2.30 -13.12 3.20
C MET A 17 -2.19 -11.63 3.55
N ASP A 18 -1.04 -11.06 3.25
CA ASP A 18 -0.78 -9.62 3.32
C ASP A 18 -1.36 -8.80 2.15
N MET A 19 -2.02 -9.47 1.18
CA MET A 19 -2.56 -8.83 -0.05
C MET A 19 -1.55 -8.51 -1.14
N LYS A 20 -0.27 -8.87 -1.00
CA LYS A 20 0.60 -8.68 -2.18
C LYS A 20 0.13 -9.68 -3.22
N PHE A 21 0.14 -9.22 -4.48
CA PHE A 21 0.03 -10.05 -5.62
C PHE A 21 1.17 -11.06 -5.66
N THR A 22 0.80 -12.33 -5.93
CA THR A 22 1.71 -13.48 -6.22
C THR A 22 1.51 -13.97 -7.65
N TYR A 23 0.38 -13.57 -8.27
CA TYR A 23 0.17 -13.88 -9.62
C TYR A 23 -0.97 -13.02 -10.24
N CYS A 24 -0.91 -12.68 -11.51
CA CYS A 24 -2.05 -11.98 -12.12
C CYS A 24 -2.22 -12.41 -13.60
N ASP A 25 -3.47 -12.67 -14.11
CA ASP A 25 -3.75 -12.98 -15.58
C ASP A 25 -3.18 -11.90 -16.44
N ASP A 26 -2.71 -12.21 -17.67
CA ASP A 26 -2.21 -11.16 -18.61
C ASP A 26 -3.34 -10.25 -19.10
N ARG A 27 -4.57 -10.77 -19.06
CA ARG A 27 -5.76 -10.01 -19.44
C ARG A 27 -5.82 -8.64 -18.76
N ILE A 28 -5.20 -8.52 -17.58
CA ILE A 28 -5.19 -7.27 -16.89
C ILE A 28 -4.53 -6.20 -17.71
N THR A 29 -3.60 -6.63 -18.56
CA THR A 29 -2.89 -5.66 -19.44
C THR A 29 -3.80 -4.87 -20.44
N GLU A 30 -4.66 -5.56 -21.19
CA GLU A 30 -5.60 -4.86 -22.09
C GLU A 30 -6.75 -4.11 -21.37
N LEU A 31 -6.86 -4.27 -20.05
CA LEU A 31 -7.95 -3.66 -19.33
C LEU A 31 -7.51 -2.45 -18.53
N ILE A 32 -6.41 -2.60 -17.77
CA ILE A 32 -5.94 -1.60 -16.80
C ILE A 32 -4.50 -1.05 -17.06
N GLY A 33 -3.69 -1.83 -17.80
CA GLY A 33 -2.41 -1.36 -18.32
C GLY A 33 -1.22 -2.07 -17.71
N TYR A 34 -1.40 -2.62 -16.50
CA TYR A 34 -0.27 -3.18 -15.79
C TYR A 34 0.21 -4.45 -16.42
N HIS A 35 1.48 -4.77 -16.19
CA HIS A 35 2.04 -6.03 -16.60
C HIS A 35 2.03 -6.86 -15.41
N PRO A 36 1.59 -8.11 -15.53
CA PRO A 36 1.50 -8.83 -14.28
C PRO A 36 2.83 -8.84 -13.51
N GLU A 37 3.93 -8.91 -14.30
CA GLU A 37 5.33 -8.89 -13.81
C GLU A 37 5.50 -7.74 -12.82
N GLU A 38 4.99 -6.56 -13.15
CA GLU A 38 5.20 -5.41 -12.27
C GLU A 38 4.29 -5.39 -11.01
N LEU A 39 3.37 -6.35 -10.89
CA LEU A 39 2.45 -6.28 -9.80
C LEU A 39 2.94 -7.06 -8.61
N LEU A 40 3.80 -8.04 -8.88
CA LEU A 40 4.20 -9.02 -7.84
C LEU A 40 4.95 -8.35 -6.71
N GLY A 41 4.70 -8.76 -5.48
CA GLY A 41 5.29 -8.15 -4.32
C GLY A 41 4.65 -6.85 -3.84
N ARG A 42 3.72 -6.28 -4.62
CA ARG A 42 3.03 -5.04 -4.21
C ARG A 42 1.66 -5.28 -3.67
N SER A 43 1.34 -4.64 -2.55
CA SER A 43 0.03 -4.73 -1.91
C SER A 43 -1.09 -4.19 -2.81
N ALA A 44 -2.26 -4.86 -2.80
CA ALA A 44 -3.45 -4.38 -3.48
C ALA A 44 -3.78 -2.99 -2.98
N TYR A 45 -3.49 -2.80 -1.70
CA TYR A 45 -3.66 -1.52 -1.07
C TYR A 45 -3.03 -0.35 -1.77
N GLU A 46 -1.85 -0.54 -2.36
CA GLU A 46 -1.26 0.54 -3.14
C GLU A 46 -2.11 1.11 -4.21
N PHE A 47 -3.06 0.32 -4.68
CA PHE A 47 -3.85 0.63 -5.88
C PHE A 47 -5.30 1.17 -5.68
N TYR A 48 -5.90 0.97 -4.50
CA TYR A 48 -7.22 1.45 -4.24
C TYR A 48 -7.24 2.98 -4.14
N HIS A 49 -8.20 3.60 -4.83
CA HIS A 49 -8.63 4.99 -4.54
C HIS A 49 -8.78 5.24 -3.07
N ALA A 50 -8.30 6.40 -2.60
CA ALA A 50 -8.39 6.68 -1.15
C ALA A 50 -9.84 6.53 -0.61
N LEU A 51 -10.81 6.91 -1.42
CA LEU A 51 -12.21 6.86 -0.95
C LEU A 51 -12.76 5.46 -0.78
N ASP A 52 -12.03 4.45 -1.24
CA ASP A 52 -12.53 3.05 -1.17
C ASP A 52 -11.73 2.26 -0.20
N SER A 53 -10.66 2.87 0.31
CA SER A 53 -9.73 2.11 1.13
C SER A 53 -10.32 1.55 2.44
N GLU A 54 -10.97 2.38 3.25
CA GLU A 54 -11.49 1.85 4.50
C GLU A 54 -12.40 0.66 4.22
N ASN A 55 -13.28 0.74 3.25
CA ASN A 55 -14.19 -0.37 2.87
C ASN A 55 -13.53 -1.64 2.36
N MET A 56 -12.41 -1.49 1.62
CA MET A 56 -11.68 -2.63 1.09
C MET A 56 -10.99 -3.37 2.21
N THR A 57 -10.58 -2.61 3.24
CA THR A 57 -10.06 -3.14 4.50
C THR A 57 -11.11 -3.97 5.23
N LYS A 58 -12.36 -3.49 5.20
CA LYS A 58 -13.44 -4.24 5.84
C LYS A 58 -13.83 -5.48 5.03
N SER A 59 -13.75 -5.37 3.70
CA SER A 59 -13.90 -6.56 2.86
C SER A 59 -12.80 -7.58 3.19
N HIS A 60 -11.58 -7.09 3.35
CA HIS A 60 -10.50 -7.96 3.72
C HIS A 60 -10.77 -8.67 5.03
N GLN A 61 -11.23 -7.97 6.06
CA GLN A 61 -11.55 -8.62 7.34
C GLN A 61 -12.60 -9.74 7.29
N ASN A 62 -13.77 -9.45 6.70
CA ASN A 62 -14.78 -10.43 6.29
C ASN A 62 -14.21 -11.69 5.61
N LEU A 63 -13.37 -11.47 4.61
CA LEU A 63 -12.61 -12.54 3.95
C LEU A 63 -11.74 -13.40 4.87
N CYS A 64 -10.96 -12.79 5.75
CA CYS A 64 -9.97 -13.54 6.50
C CYS A 64 -10.71 -14.33 7.55
N THR A 65 -11.68 -13.68 8.18
CA THR A 65 -12.47 -14.36 9.20
C THR A 65 -13.52 -15.29 8.59
N LYS A 66 -14.20 -14.86 7.54
CA LYS A 66 -15.20 -15.76 6.94
C LYS A 66 -14.71 -16.72 5.84
N GLY A 67 -13.60 -16.44 5.15
CA GLY A 67 -13.07 -17.36 4.14
C GLY A 67 -13.39 -17.11 2.66
N GLN A 68 -14.39 -16.27 2.38
CA GLN A 68 -14.80 -15.89 1.01
C GLN A 68 -15.56 -14.56 1.14
N VAL A 69 -15.51 -13.67 0.13
CA VAL A 69 -16.22 -12.37 0.18
C VAL A 69 -16.43 -11.81 -1.20
N VAL A 70 -17.41 -10.91 -1.32
CA VAL A 70 -17.60 -10.11 -2.53
C VAL A 70 -17.30 -8.71 -2.10
N SER A 71 -16.44 -8.06 -2.85
CA SER A 71 -16.03 -6.70 -2.55
C SER A 71 -17.17 -5.68 -2.73
N GLY A 72 -18.03 -5.85 -3.72
CA GLY A 72 -18.75 -4.63 -4.17
C GLY A 72 -17.77 -3.56 -4.70
N GLN A 73 -18.27 -2.39 -5.12
CA GLN A 73 -17.54 -1.56 -6.08
C GLN A 73 -16.37 -0.80 -5.47
N TYR A 74 -15.24 -0.80 -6.16
CA TYR A 74 -14.08 -0.01 -5.76
C TYR A 74 -13.33 0.46 -7.03
N ARG A 75 -12.50 1.49 -6.89
CA ARG A 75 -11.75 1.97 -8.04
C ARG A 75 -10.30 1.57 -7.87
N MET A 76 -9.67 1.23 -9.01
CA MET A 76 -8.22 0.87 -9.08
C MET A 76 -7.51 1.87 -9.95
N LEU A 77 -6.38 2.40 -9.45
CA LEU A 77 -5.56 3.38 -10.16
C LEU A 77 -5.09 2.74 -11.46
N ALA A 78 -5.42 3.31 -12.61
CA ALA A 78 -4.90 2.72 -13.86
C ALA A 78 -3.40 2.91 -14.02
N LYS A 79 -2.80 2.20 -14.98
CA LYS A 79 -1.39 2.34 -15.23
C LYS A 79 -1.17 3.74 -15.77
N HIS A 80 -1.94 4.20 -16.75
CA HIS A 80 -1.64 5.48 -17.41
C HIS A 80 -2.53 6.64 -17.04
N GLY A 81 -2.94 6.69 -15.77
CA GLY A 81 -3.78 7.75 -15.21
C GLY A 81 -5.22 7.31 -15.02
N GLY A 82 -5.88 7.82 -13.99
CA GLY A 82 -7.31 7.55 -13.83
C GLY A 82 -7.60 6.25 -13.08
N TYR A 83 -8.90 5.94 -12.97
CA TYR A 83 -9.40 4.95 -12.03
C TYR A 83 -10.47 4.14 -12.72
N VAL A 84 -10.29 2.83 -12.73
CA VAL A 84 -11.21 1.87 -13.37
C VAL A 84 -12.09 1.29 -12.24
N TRP A 85 -13.40 1.17 -12.45
CA TRP A 85 -14.20 0.55 -11.37
C TRP A 85 -14.13 -0.97 -11.43
N LEU A 86 -14.20 -1.66 -10.29
CA LEU A 86 -14.13 -3.10 -10.32
C LEU A 86 -15.01 -3.60 -9.25
N GLU A 87 -15.26 -4.91 -9.32
CA GLU A 87 -15.88 -5.69 -8.29
C GLU A 87 -15.05 -6.97 -8.20
N THR A 88 -14.77 -7.52 -7.02
CA THR A 88 -13.95 -8.68 -6.91
C THR A 88 -14.60 -9.66 -5.99
N GLN A 89 -14.58 -10.90 -6.44
CA GLN A 89 -14.89 -11.92 -5.53
C GLN A 89 -13.64 -12.57 -5.00
N GLY A 90 -13.49 -12.65 -3.69
CA GLY A 90 -12.30 -13.25 -3.05
C GLY A 90 -12.51 -14.56 -2.33
N THR A 91 -11.55 -15.47 -2.46
CA THR A 91 -11.67 -16.74 -1.72
C THR A 91 -10.34 -17.09 -1.04
N VAL A 92 -10.38 -17.57 0.20
CA VAL A 92 -9.14 -18.01 0.91
C VAL A 92 -8.95 -19.51 0.68
N ILE A 93 -7.76 -19.91 0.22
CA ILE A 93 -7.35 -21.32 0.12
C ILE A 93 -6.49 -21.64 1.35
N TYR A 94 -7.02 -22.51 2.23
CA TYR A 94 -6.31 -22.99 3.41
C TYR A 94 -5.74 -24.43 3.18
N ASN A 95 -4.71 -24.87 3.91
CA ASN A 95 -4.23 -26.29 3.76
C ASN A 95 -4.18 -27.18 5.00
N PRO A 101 -4.21 -20.60 6.41
CA PRO A 101 -4.48 -19.83 5.19
C PRO A 101 -3.30 -19.94 4.30
N GLN A 102 -3.47 -20.20 3.01
CA GLN A 102 -2.32 -20.32 2.08
C GLN A 102 -2.24 -19.26 1.03
N CYS A 103 -3.39 -18.75 0.62
CA CYS A 103 -3.42 -17.64 -0.34
C CYS A 103 -4.85 -17.21 -0.60
N ILE A 104 -4.96 -16.13 -1.37
CA ILE A 104 -6.26 -15.55 -1.73
C ILE A 104 -6.38 -15.49 -3.21
N MET A 105 -7.49 -16.06 -3.72
CA MET A 105 -7.77 -16.10 -5.15
C MET A 105 -8.80 -15.00 -5.37
N CYS A 106 -8.58 -14.18 -6.37
CA CYS A 106 -9.47 -13.11 -6.63
C CYS A 106 -9.93 -13.25 -8.06
N VAL A 107 -11.25 -13.24 -8.20
CA VAL A 107 -11.82 -13.07 -9.55
C VAL A 107 -12.26 -11.64 -9.70
N ASN A 108 -11.75 -10.92 -10.70
CA ASN A 108 -11.85 -9.46 -10.69
C ASN A 108 -12.65 -9.12 -11.92
N TYR A 109 -13.68 -8.33 -11.74
CA TYR A 109 -14.53 -7.92 -12.90
CA TYR A 109 -14.46 -7.92 -12.90
C TYR A 109 -14.56 -6.43 -13.02
N VAL A 110 -14.23 -5.95 -14.22
CA VAL A 110 -14.18 -4.52 -14.49
C VAL A 110 -15.60 -4.03 -14.83
N LEU A 111 -16.16 -3.26 -13.91
CA LEU A 111 -17.46 -2.61 -14.02
C LEU A 111 -17.46 -1.59 -15.14
N SER A 112 -16.42 -0.77 -15.23
CA SER A 112 -16.38 0.34 -16.20
C SER A 112 -16.42 -0.24 -17.61
N GLU A 113 -16.76 0.55 -18.63
CA GLU A 113 -16.84 -0.01 -19.98
C GLU A 113 -15.51 0.04 -20.71
N ILE A 114 -15.13 -1.06 -21.35
CA ILE A 114 -13.84 -1.10 -22.05
C ILE A 114 -14.06 -1.24 -23.55
N GLU A 115 -13.19 -0.61 -24.34
CA GLU A 115 -13.36 -0.47 -25.77
C GLU A 115 -14.55 0.41 -26.06
N CYS B 9 4.23 26.74 18.73
CA CYS B 9 3.55 25.43 18.62
C CYS B 9 4.57 24.46 18.07
N GLN B 10 4.68 23.28 18.69
CA GLN B 10 5.53 22.23 18.10
C GLN B 10 4.75 21.48 17.03
N PRO B 11 5.34 21.37 15.82
CA PRO B 11 4.80 20.47 14.82
C PRO B 11 4.42 19.09 15.43
N THR B 12 3.36 18.43 14.98
CA THR B 12 3.23 17.03 15.41
C THR B 12 4.03 16.11 14.50
N ARG B 13 4.44 15.02 15.11
CA ARG B 13 5.49 14.20 14.57
C ARG B 13 5.62 12.95 15.45
N PHE B 14 5.94 11.83 14.81
CA PHE B 14 5.99 10.55 15.46
C PHE B 14 7.16 9.79 14.84
N ILE B 15 7.68 8.87 15.61
CA ILE B 15 8.80 8.11 15.13
C ILE B 15 8.29 6.78 14.68
N SER B 16 8.89 6.26 13.63
CA SER B 16 8.65 4.86 13.24
C SER B 16 9.97 4.15 12.79
N ARG B 17 9.97 2.81 12.80
CA ARG B 17 11.13 2.04 12.27
C ARG B 17 10.53 1.19 11.14
N HIS B 18 11.28 1.00 10.06
CA HIS B 18 10.92 0.20 8.90
C HIS B 18 12.01 -0.75 8.49
N ASN B 19 11.64 -1.86 7.86
CA ASN B 19 12.63 -2.64 7.17
C ASN B 19 12.94 -1.95 5.88
N ILE B 20 13.84 -2.53 5.10
CA ILE B 20 14.36 -1.82 3.96
C ILE B 20 13.28 -1.82 2.86
N GLU B 21 12.28 -2.72 2.94
CA GLU B 21 11.16 -2.71 1.98
C GLU B 21 10.15 -1.59 2.25
N GLY B 22 10.01 -1.23 3.52
CA GLY B 22 9.13 -0.14 3.88
C GLY B 22 8.07 -0.47 4.89
N ILE B 23 8.03 -1.73 5.31
CA ILE B 23 7.04 -2.20 6.30
C ILE B 23 7.32 -1.57 7.65
N PHE B 24 6.31 -0.93 8.26
CA PHE B 24 6.41 -0.54 9.66
C PHE B 24 6.74 -1.70 10.59
N THR B 25 7.87 -1.58 11.28
CA THR B 25 8.26 -2.57 12.29
C THR B 25 8.09 -2.05 13.71
N PHE B 26 7.99 -0.72 13.85
CA PHE B 26 7.77 -0.02 15.10
C PHE B 26 7.06 1.38 14.85
N VAL B 27 6.02 1.68 15.61
CA VAL B 27 5.35 3.01 15.55
C VAL B 27 5.15 3.68 16.92
N ASP B 28 5.70 4.90 17.03
CA ASP B 28 5.54 5.80 18.19
C ASP B 28 4.02 6.16 18.28
N HIS B 29 3.38 5.94 19.42
CA HIS B 29 1.97 6.36 19.70
C HIS B 29 1.61 7.82 19.47
N ARG B 30 2.61 8.73 19.35
CA ARG B 30 2.34 10.08 18.83
C ARG B 30 1.73 10.07 17.40
N CYS B 31 1.74 8.92 16.73
CA CYS B 31 1.06 8.78 15.44
C CYS B 31 -0.45 9.12 15.51
N VAL B 32 -1.06 8.93 16.69
CA VAL B 32 -2.56 9.10 16.79
C VAL B 32 -2.99 10.51 16.47
N ALA B 33 -2.34 11.45 17.16
CA ALA B 33 -2.53 12.88 16.92
C ALA B 33 -1.92 13.30 15.58
N THR B 34 -0.96 12.57 15.06
CA THR B 34 -0.39 13.06 13.80
C THR B 34 -1.22 12.54 12.60
N VAL B 35 -1.65 11.28 12.60
CA VAL B 35 -2.21 10.82 11.32
C VAL B 35 -3.52 10.14 11.56
N GLY B 36 -3.84 9.99 12.83
CA GLY B 36 -5.12 9.37 13.13
C GLY B 36 -5.18 7.93 13.51
N TYR B 37 -4.20 7.11 13.14
CA TYR B 37 -4.30 5.70 13.33
C TYR B 37 -3.66 5.31 14.65
N GLN B 38 -4.14 4.23 15.25
CA GLN B 38 -3.44 3.50 16.33
C GLN B 38 -2.15 2.90 15.78
N PRO B 39 -1.11 2.71 16.65
CA PRO B 39 0.09 2.00 16.17
C PRO B 39 -0.17 0.66 15.46
N GLN B 40 -1.03 -0.20 16.02
CA GLN B 40 -1.33 -1.50 15.41
C GLN B 40 -2.05 -1.43 14.03
N GLU B 41 -2.62 -0.26 13.67
CA GLU B 41 -3.19 -0.07 12.33
C GLU B 41 -2.07 0.19 11.31
N LEU B 42 -0.89 0.61 11.78
CA LEU B 42 0.27 0.80 10.88
C LEU B 42 1.23 -0.47 10.86
N LEU B 43 1.34 -1.17 12.00
CA LEU B 43 2.44 -2.14 12.20
C LEU B 43 2.26 -3.21 11.20
N GLY B 44 3.26 -3.44 10.36
CA GLY B 44 3.19 -4.62 9.52
C GLY B 44 2.77 -4.25 8.13
N LYS B 45 2.36 -3.01 7.91
CA LYS B 45 2.05 -2.58 6.59
C LYS B 45 3.10 -1.66 5.98
N ASN B 46 3.17 -1.63 4.69
CA ASN B 46 4.18 -0.79 4.08
C ASN B 46 3.70 0.65 4.14
N ILE B 47 4.66 1.58 4.25
CA ILE B 47 4.31 2.98 4.46
C ILE B 47 3.75 3.45 3.12
N VAL B 48 4.15 2.76 2.04
CA VAL B 48 3.68 3.05 0.66
C VAL B 48 2.15 2.89 0.41
N GLU B 49 1.55 1.98 1.17
CA GLU B 49 0.13 1.81 1.27
C GLU B 49 -0.65 3.08 1.79
N PHE B 50 0.03 4.10 2.32
CA PHE B 50 -0.69 5.19 2.99
C PHE B 50 -0.32 6.40 2.17
N CYS B 51 0.41 6.17 1.11
CA CYS B 51 0.97 7.25 0.33
C CYS B 51 0.19 7.52 -0.98
N HIS B 52 0.12 8.82 -1.35
CA HIS B 52 -0.59 9.31 -2.54
C HIS B 52 0.07 8.74 -3.80
N PRO B 53 -0.74 8.25 -4.78
CA PRO B 53 -0.20 7.52 -5.90
C PRO B 53 0.80 8.35 -6.65
N GLU B 54 0.67 9.66 -6.63
CA GLU B 54 1.72 10.38 -7.34
C GLU B 54 3.03 10.40 -6.53
N ASP B 55 3.00 9.98 -5.28
CA ASP B 55 4.22 10.16 -4.50
C ASP B 55 4.94 8.82 -4.15
N GLN B 56 4.23 7.71 -4.48
CA GLN B 56 4.58 6.33 -4.08
C GLN B 56 5.97 5.92 -4.56
N GLN B 57 6.29 6.31 -5.81
CA GLN B 57 7.56 5.96 -6.45
C GLN B 57 8.72 6.74 -5.75
N LEU B 58 8.63 8.09 -5.68
CA LEU B 58 9.54 8.85 -4.82
C LEU B 58 9.81 8.22 -3.48
N LEU B 59 8.80 7.74 -2.81
CA LEU B 59 9.00 7.20 -1.55
C LEU B 59 9.72 5.83 -1.61
N ARG B 60 9.37 4.95 -2.56
CA ARG B 60 10.13 3.72 -2.74
C ARG B 60 11.54 4.06 -3.15
N ASP B 61 11.74 4.97 -4.10
CA ASP B 61 13.17 5.32 -4.35
C ASP B 61 13.91 5.93 -3.13
N SER B 62 13.16 6.58 -2.22
CA SER B 62 13.76 7.17 -1.04
C SER B 62 14.26 6.09 -0.06
N PHE B 63 13.45 5.08 0.17
CA PHE B 63 13.86 4.02 1.01
C PHE B 63 15.01 3.22 0.39
N GLN B 64 15.04 3.09 -0.92
CA GLN B 64 16.16 2.42 -1.59
C GLN B 64 17.46 3.21 -1.40
N GLN B 65 17.43 4.55 -1.54
CA GLN B 65 18.62 5.38 -1.29
C GLN B 65 19.08 5.56 0.13
N VAL B 66 18.16 5.66 1.07
CA VAL B 66 18.60 5.86 2.42
C VAL B 66 19.65 4.77 2.83
N VAL B 67 19.58 3.55 2.28
CA VAL B 67 20.58 2.53 2.71
C VAL B 67 21.93 2.64 2.06
N LYS B 68 22.08 3.53 1.10
CA LYS B 68 23.33 3.70 0.43
C LYS B 68 24.01 4.93 0.88
N LEU B 69 23.39 5.61 1.82
CA LEU B 69 23.89 6.94 2.13
C LEU B 69 24.76 6.95 3.39
N LYS B 70 25.16 5.75 3.82
CA LYS B 70 26.18 5.64 4.88
C LYS B 70 25.67 6.18 6.23
N GLY B 71 24.43 5.82 6.61
CA GLY B 71 23.81 6.34 7.83
C GLY B 71 23.44 7.83 7.90
N GLN B 72 23.66 8.65 6.85
CA GLN B 72 23.25 10.09 6.84
C GLN B 72 21.70 10.27 6.63
N VAL B 73 21.17 11.48 6.92
CA VAL B 73 19.72 11.78 6.89
C VAL B 73 19.22 12.00 5.45
N LEU B 74 18.13 11.34 5.09
CA LEU B 74 17.50 11.57 3.83
C LEU B 74 16.10 12.06 4.19
N SER B 75 15.67 13.14 3.54
CA SER B 75 14.34 13.61 3.84
C SER B 75 13.46 13.50 2.61
N VAL B 76 12.18 13.26 2.82
CA VAL B 76 11.23 13.22 1.73
C VAL B 76 9.87 13.88 2.10
N MET B 77 9.27 14.55 1.14
CA MET B 77 7.91 15.04 1.39
C MET B 77 6.90 14.29 0.57
N PHE B 78 5.80 13.90 1.19
CA PHE B 78 4.75 13.16 0.50
C PHE B 78 3.41 13.27 1.25
N ARG B 79 2.36 12.83 0.59
CA ARG B 79 1.00 12.92 1.07
C ARG B 79 0.63 11.63 1.55
N PHE B 80 0.23 11.66 2.79
CA PHE B 80 -0.15 10.53 3.54
C PHE B 80 -1.59 10.60 3.87
N ARG B 81 -2.29 9.46 3.80
CA ARG B 81 -3.75 9.44 3.95
C ARG B 81 -4.10 9.18 5.41
N SER B 82 -4.60 10.25 6.13
CA SER B 82 -4.95 10.15 7.57
C SER B 82 -6.09 9.21 7.75
N LYS B 83 -6.44 8.90 8.99
CA LYS B 83 -7.58 8.02 9.18
C LYS B 83 -8.87 8.87 8.93
N ASN B 84 -8.74 10.19 9.08
CA ASN B 84 -9.80 11.20 8.85
C ASN B 84 -9.98 11.51 7.39
N GLN B 85 -9.38 10.66 6.55
CA GLN B 85 -9.64 10.63 5.14
C GLN B 85 -9.10 11.79 4.32
N GLU B 86 -8.09 12.48 4.83
CA GLU B 86 -7.46 13.61 4.17
C GLU B 86 -6.00 13.29 3.77
N TRP B 87 -5.49 13.97 2.74
CA TRP B 87 -4.11 13.88 2.32
C TRP B 87 -3.33 14.89 3.11
N LEU B 88 -2.56 14.42 4.10
CA LEU B 88 -1.70 15.32 4.92
C LEU B 88 -0.30 15.45 4.30
N TRP B 89 0.25 16.66 4.23
CA TRP B 89 1.59 16.76 3.79
C TRP B 89 2.55 16.30 4.90
N MET B 90 3.37 15.27 4.57
CA MET B 90 4.37 14.65 5.53
C MET B 90 5.77 14.93 5.14
N ARG B 91 6.59 15.33 6.14
CA ARG B 91 8.03 15.40 5.92
C ARG B 91 8.60 14.26 6.77
N THR B 92 9.21 13.27 6.11
CA THR B 92 9.80 12.09 6.76
C THR B 92 11.32 12.22 6.58
N SER B 93 12.03 12.28 7.72
CA SER B 93 13.50 12.29 7.74
C SER B 93 13.94 10.92 8.27
N SER B 94 14.70 10.20 7.47
CA SER B 94 15.12 8.86 7.81
C SER B 94 16.67 8.69 7.75
N PHE B 95 17.13 7.67 8.44
CA PHE B 95 18.55 7.31 8.34
C PHE B 95 18.64 5.84 8.73
N THR B 96 19.66 5.13 8.25
CA THR B 96 19.87 3.77 8.70
C THR B 96 20.63 3.65 10.06
N PHE B 97 20.36 2.60 10.79
CA PHE B 97 21.15 2.27 11.97
C PHE B 97 21.58 0.86 11.72
N GLN B 98 22.79 0.55 12.17
CA GLN B 98 23.40 -0.76 12.03
C GLN B 98 24.35 -0.88 13.24
N ASN B 99 24.07 -1.82 14.10
CA ASN B 99 24.87 -1.98 15.32
C ASN B 99 26.20 -2.60 14.87
N PRO B 100 27.31 -1.88 15.13
CA PRO B 100 28.68 -2.11 14.64
C PRO B 100 29.41 -3.31 15.33
N TYR B 101 28.87 -3.78 16.45
CA TYR B 101 29.18 -5.13 17.05
C TYR B 101 28.59 -6.33 16.29
N SER B 102 27.68 -6.04 15.35
CA SER B 102 26.98 -7.08 14.59
C SER B 102 27.05 -6.82 13.09
N ASP B 103 26.58 -7.83 12.34
CA ASP B 103 26.43 -7.76 10.91
C ASP B 103 24.99 -8.07 10.55
N GLU B 104 24.07 -7.64 11.40
CA GLU B 104 22.63 -7.69 11.13
C GLU B 104 22.27 -6.66 10.05
N ILE B 105 21.19 -6.94 9.31
CA ILE B 105 20.80 -6.04 8.24
C ILE B 105 20.40 -4.68 8.84
N GLU B 106 20.78 -3.60 8.18
CA GLU B 106 20.42 -2.30 8.71
C GLU B 106 18.89 -2.19 8.68
N TYR B 107 18.36 -1.36 9.55
CA TYR B 107 17.01 -0.88 9.32
C TYR B 107 16.95 0.66 9.40
N ILE B 108 15.74 1.14 9.18
CA ILE B 108 15.57 2.53 8.83
C ILE B 108 14.80 3.17 9.96
N ILE B 109 15.30 4.29 10.46
CA ILE B 109 14.64 5.01 11.60
C ILE B 109 14.07 6.26 10.98
N CYS B 110 12.79 6.55 11.25
CA CYS B 110 12.10 7.68 10.62
C CYS B 110 11.51 8.69 11.63
N THR B 111 11.67 9.98 11.42
CA THR B 111 10.75 10.92 12.14
C THR B 111 9.76 11.42 11.07
N ASN B 112 8.49 11.50 11.43
CA ASN B 112 7.41 11.84 10.48
C ASN B 112 6.63 13.05 10.99
N THR B 113 6.68 14.19 10.28
CA THR B 113 6.04 15.43 10.81
C THR B 113 5.04 15.97 9.79
N ASN B 114 3.82 16.33 10.19
CA ASN B 114 2.83 17.08 9.30
C ASN B 114 3.27 18.48 9.02
N VAL B 115 3.67 18.75 7.81
CA VAL B 115 4.17 20.09 7.50
C VAL B 115 3.26 20.82 6.47
N LYS B 116 3.59 22.07 6.17
CA LYS B 116 2.94 22.85 5.18
C LYS B 116 3.58 22.72 3.82
N ASN B 117 2.78 22.51 2.79
CA ASN B 117 3.30 22.75 1.48
C ASN B 117 2.89 24.10 0.88
N SER B 118 3.77 25.12 0.97
CA SER B 118 3.45 26.51 0.50
C SER B 118 4.59 27.56 0.36
N2 ULS C . -7.02 -2.01 -6.98
C16 ULS C . -7.05 -3.19 -6.95
C15 ULS C . -7.10 -4.48 -6.86
C10 ULS C . -7.19 -5.15 -8.04
C14 ULS C . -7.02 -5.20 -5.67
C13 ULS C . -7.06 -6.58 -5.75
C12 ULS C . -7.17 -7.27 -6.93
C11 ULS C . -7.21 -6.51 -8.08
F4 ULS C . -7.30 -7.02 -9.32
O2 ULS C . -6.99 -7.25 -4.61
C2 ULS C . -8.06 -7.53 -3.89
C3 ULS C . -9.34 -7.17 -4.32
N1 ULS C . -10.35 -7.51 -3.50
C8 ULS C . -7.79 -8.18 -2.74
C9 ULS C . -6.40 -8.59 -2.25
C5 ULS C . -6.80 -9.47 -1.04
C7 ULS C . -8.83 -8.51 -1.94
C6 ULS C . -8.32 -9.21 -0.73
O1 ULS C . -8.47 -8.35 0.43
C1 ULS C . -10.13 -8.19 -2.36
C4 ULS C . -11.33 -8.52 -1.52
F1 ULS C . -12.42 -7.97 -1.99
F2 ULS C . -11.52 -9.83 -1.45
F3 ULS C . -11.11 -7.99 -0.35
#